data_1PBM
# 
_entry.id   1PBM 
# 
_audit_conform.dict_name       mmcif_pdbx.dic 
_audit_conform.dict_version    5.392 
_audit_conform.dict_location   http://mmcif.pdb.org/dictionaries/ascii/mmcif_pdbx.dic 
# 
loop_
_database_2.database_id 
_database_2.database_code 
_database_2.pdbx_database_accession 
_database_2.pdbx_DOI 
PDB   1PBM         pdb_00001pbm 10.2210/pdb1pbm/pdb 
WWPDB D_1000175589 ?            ?                   
# 
loop_
_pdbx_audit_revision_history.ordinal 
_pdbx_audit_revision_history.data_content_type 
_pdbx_audit_revision_history.major_revision 
_pdbx_audit_revision_history.minor_revision 
_pdbx_audit_revision_history.revision_date 
1 'Structure model' 1 0 1997-07-07 
2 'Structure model' 1 1 2008-03-24 
3 'Structure model' 1 2 2011-07-13 
4 'Structure model' 1 3 2022-02-23 
5 'Structure model' 1 4 2024-05-22 
# 
_pdbx_audit_revision_details.ordinal             1 
_pdbx_audit_revision_details.revision_ordinal    1 
_pdbx_audit_revision_details.data_content_type   'Structure model' 
_pdbx_audit_revision_details.provider            repository 
_pdbx_audit_revision_details.type                'Initial release' 
_pdbx_audit_revision_details.description         ? 
_pdbx_audit_revision_details.details             ? 
# 
loop_
_pdbx_audit_revision_group.ordinal 
_pdbx_audit_revision_group.revision_ordinal 
_pdbx_audit_revision_group.data_content_type 
_pdbx_audit_revision_group.group 
1 2 'Structure model' 'Version format compliance' 
2 3 'Structure model' 'Version format compliance' 
3 4 'Structure model' 'Data collection'           
4 4 'Structure model' 'Database references'       
5 4 'Structure model' 'Derived calculations'      
6 4 'Structure model' Other                       
7 5 'Structure model' 'Data collection'           
# 
loop_
_pdbx_audit_revision_category.ordinal 
_pdbx_audit_revision_category.revision_ordinal 
_pdbx_audit_revision_category.data_content_type 
_pdbx_audit_revision_category.category 
1 4 'Structure model' database_2            
2 4 'Structure model' pdbx_database_status  
3 4 'Structure model' pdbx_nmr_software     
4 4 'Structure model' pdbx_struct_assembly  
5 4 'Structure model' pdbx_struct_oper_list 
6 5 'Structure model' chem_comp_atom        
7 5 'Structure model' chem_comp_bond        
# 
loop_
_pdbx_audit_revision_item.ordinal 
_pdbx_audit_revision_item.revision_ordinal 
_pdbx_audit_revision_item.data_content_type 
_pdbx_audit_revision_item.item 
1 4 'Structure model' '_database_2.pdbx_DOI'                
2 4 'Structure model' '_database_2.pdbx_database_accession' 
3 4 'Structure model' '_pdbx_database_status.process_site'  
4 4 'Structure model' '_pdbx_nmr_software.name'             
# 
_pdbx_database_status.status_code                     REL 
_pdbx_database_status.entry_id                        1PBM 
_pdbx_database_status.recvd_initial_deposition_date   1996-08-05 
_pdbx_database_status.deposit_site                    ? 
_pdbx_database_status.process_site                    BNL 
_pdbx_database_status.SG_entry                        . 
_pdbx_database_status.pdb_format_compatible           Y 
_pdbx_database_status.status_code_mr                  ? 
_pdbx_database_status.status_code_sf                  ? 
_pdbx_database_status.status_code_cs                  ? 
_pdbx_database_status.status_code_nmr_data            ? 
_pdbx_database_status.methods_development_category    ? 
# 
_pdbx_database_related.db_name        PDB 
_pdbx_database_related.db_id          1PBL 
_pdbx_database_related.details        '1 STRUCTURE' 
_pdbx_database_related.content_type   unspecified 
# 
loop_
_audit_author.name 
_audit_author.pdbx_ordinal 
'Popenda, M.'   1 
'Biala, E.'     2 
'Milecki, J.'   3 
'Adamiak, R.W.' 4 
# 
_citation.id                        primary 
_citation.title                     
;Solution structure of RNA duplexes containing alternating CG base pairs: NMR study of r(CGCGCG)2 and 2'-O-Me(CGCGCG)2 under low salt conditions.
;
_citation.journal_abbrev            'Nucleic Acids Res.' 
_citation.journal_volume            25 
_citation.page_first                4589 
_citation.page_last                 4598 
_citation.year                      1997 
_citation.journal_id_ASTM           NARHAD 
_citation.country                   UK 
_citation.journal_id_ISSN           0305-1048 
_citation.journal_id_CSD            0389 
_citation.book_publisher            ? 
_citation.pdbx_database_id_PubMed   9358170 
_citation.pdbx_database_id_DOI      10.1093/nar/25.22.4589 
# 
loop_
_citation_author.citation_id 
_citation_author.name 
_citation_author.ordinal 
_citation_author.identifier_ORCID 
primary 'Popenda, M.'   1 ? 
primary 'Biala, E.'     2 ? 
primary 'Milecki, J.'   3 ? 
primary 'Adamiak, R.W.' 4 ? 
# 
_entity.id                         1 
_entity.type                       polymer 
_entity.src_method                 syn 
_entity.pdbx_description           
;RNA (5'-R(*CP*GP*CP*GP*CP*G)-3')
;
_entity.formula_weight             1906.205 
_entity.pdbx_number_of_molecules   2 
_entity.pdbx_ec                    ? 
_entity.pdbx_mutation              ? 
_entity.pdbx_fragment              ? 
_entity.details                    ? 
# 
_entity_poly.entity_id                      1 
_entity_poly.type                           polyribonucleotide 
_entity_poly.nstd_linkage                   no 
_entity_poly.nstd_monomer                   no 
_entity_poly.pdbx_seq_one_letter_code       CGCGCG 
_entity_poly.pdbx_seq_one_letter_code_can   CGCGCG 
_entity_poly.pdbx_strand_id                 A,B 
_entity_poly.pdbx_target_identifier         ? 
# 
loop_
_entity_poly_seq.entity_id 
_entity_poly_seq.num 
_entity_poly_seq.mon_id 
_entity_poly_seq.hetero 
1 1 C n 
1 2 G n 
1 3 C n 
1 4 G n 
1 5 C n 
1 6 G n 
# 
loop_
_chem_comp.id 
_chem_comp.type 
_chem_comp.mon_nstd_flag 
_chem_comp.name 
_chem_comp.pdbx_synonyms 
_chem_comp.formula 
_chem_comp.formula_weight 
C 'RNA linking' y "CYTIDINE-5'-MONOPHOSPHATE"  ? 'C9 H14 N3 O8 P'  323.197 
G 'RNA linking' y "GUANOSINE-5'-MONOPHOSPHATE" ? 'C10 H14 N5 O8 P' 363.221 
# 
loop_
_pdbx_poly_seq_scheme.asym_id 
_pdbx_poly_seq_scheme.entity_id 
_pdbx_poly_seq_scheme.seq_id 
_pdbx_poly_seq_scheme.mon_id 
_pdbx_poly_seq_scheme.ndb_seq_num 
_pdbx_poly_seq_scheme.pdb_seq_num 
_pdbx_poly_seq_scheme.auth_seq_num 
_pdbx_poly_seq_scheme.pdb_mon_id 
_pdbx_poly_seq_scheme.auth_mon_id 
_pdbx_poly_seq_scheme.pdb_strand_id 
_pdbx_poly_seq_scheme.pdb_ins_code 
_pdbx_poly_seq_scheme.hetero 
A 1 1 C 1 1  1  C C A . n 
A 1 2 G 2 2  2  G G A . n 
A 1 3 C 3 3  3  C C A . n 
A 1 4 G 4 4  4  G G A . n 
A 1 5 C 5 5  5  C C A . n 
A 1 6 G 6 6  6  G G A . n 
B 1 1 C 1 7  7  C C B . n 
B 1 2 G 2 8  8  G G B . n 
B 1 3 C 3 9  9  C C B . n 
B 1 4 G 4 10 10 G G B . n 
B 1 5 C 5 11 11 C C B . n 
B 1 6 G 6 12 12 G G B . n 
# 
_cell.entry_id           1PBM 
_cell.length_a           1.000 
_cell.length_b           1.000 
_cell.length_c           1.000 
_cell.angle_alpha        90.00 
_cell.angle_beta         90.00 
_cell.angle_gamma        90.00 
_cell.Z_PDB              1 
_cell.pdbx_unique_axis   ? 
# 
_symmetry.entry_id                         1PBM 
_symmetry.space_group_name_H-M             'P 1' 
_symmetry.pdbx_full_space_group_name_H-M   ? 
_symmetry.cell_setting                     ? 
_symmetry.Int_Tables_number                1 
# 
_exptl.entry_id          1PBM 
_exptl.method            'SOLUTION NMR' 
_exptl.crystals_number   ? 
# 
_struct.entry_id                  1PBM 
_struct.title                     'STRUCTURE OF RIBONUCLEIC ACID, NMR, 1 STRUCTURE' 
_struct.pdbx_model_details        ? 
_struct.pdbx_CASP_flag            ? 
_struct.pdbx_model_type_details   ? 
# 
_struct_keywords.entry_id        1PBM 
_struct_keywords.pdbx_keywords   RNA 
_struct_keywords.text            'RIBONUCLEIC ACID, RNA DUPLEX, RNA' 
# 
loop_
_struct_asym.id 
_struct_asym.pdbx_blank_PDB_chainid_flag 
_struct_asym.pdbx_modified 
_struct_asym.entity_id 
_struct_asym.details 
A N N 1 ? 
B N N 1 ? 
# 
_struct_ref.id                         1 
_struct_ref.entity_id                  1 
_struct_ref.db_name                    PDB 
_struct_ref.db_code                    1PBM 
_struct_ref.pdbx_db_accession          1PBM 
_struct_ref.pdbx_db_isoform            ? 
_struct_ref.pdbx_seq_one_letter_code   ? 
_struct_ref.pdbx_align_begin           ? 
# 
loop_
_struct_ref_seq.align_id 
_struct_ref_seq.ref_id 
_struct_ref_seq.pdbx_PDB_id_code 
_struct_ref_seq.pdbx_strand_id 
_struct_ref_seq.seq_align_beg 
_struct_ref_seq.pdbx_seq_align_beg_ins_code 
_struct_ref_seq.seq_align_end 
_struct_ref_seq.pdbx_seq_align_end_ins_code 
_struct_ref_seq.pdbx_db_accession 
_struct_ref_seq.db_align_beg 
_struct_ref_seq.pdbx_db_align_beg_ins_code 
_struct_ref_seq.db_align_end 
_struct_ref_seq.pdbx_db_align_end_ins_code 
_struct_ref_seq.pdbx_auth_seq_align_beg 
_struct_ref_seq.pdbx_auth_seq_align_end 
1 1 1PBM A 1 ? 6 ? 1PBM 1 ? 6  ? 1 6  
2 1 1PBM B 1 ? 6 ? 1PBM 7 ? 12 ? 7 12 
# 
_pdbx_struct_assembly.id                   1 
_pdbx_struct_assembly.details              author_defined_assembly 
_pdbx_struct_assembly.method_details       ? 
_pdbx_struct_assembly.oligomeric_details   dimeric 
_pdbx_struct_assembly.oligomeric_count     2 
# 
_pdbx_struct_assembly_gen.assembly_id       1 
_pdbx_struct_assembly_gen.oper_expression   1 
_pdbx_struct_assembly_gen.asym_id_list      A,B 
# 
_pdbx_struct_oper_list.id                   1 
_pdbx_struct_oper_list.type                 'identity operation' 
_pdbx_struct_oper_list.name                 1_555 
_pdbx_struct_oper_list.symmetry_operation   x,y,z 
_pdbx_struct_oper_list.matrix[1][1]         1.0000000000 
_pdbx_struct_oper_list.matrix[1][2]         0.0000000000 
_pdbx_struct_oper_list.matrix[1][3]         0.0000000000 
_pdbx_struct_oper_list.vector[1]            0.0000000000 
_pdbx_struct_oper_list.matrix[2][1]         0.0000000000 
_pdbx_struct_oper_list.matrix[2][2]         1.0000000000 
_pdbx_struct_oper_list.matrix[2][3]         0.0000000000 
_pdbx_struct_oper_list.vector[2]            0.0000000000 
_pdbx_struct_oper_list.matrix[3][1]         0.0000000000 
_pdbx_struct_oper_list.matrix[3][2]         0.0000000000 
_pdbx_struct_oper_list.matrix[3][3]         1.0000000000 
_pdbx_struct_oper_list.vector[3]            0.0000000000 
# 
_struct_biol.id   1 
# 
loop_
_struct_conn.id 
_struct_conn.conn_type_id 
_struct_conn.pdbx_leaving_atom_flag 
_struct_conn.pdbx_PDB_id 
_struct_conn.ptnr1_label_asym_id 
_struct_conn.ptnr1_label_comp_id 
_struct_conn.ptnr1_label_seq_id 
_struct_conn.ptnr1_label_atom_id 
_struct_conn.pdbx_ptnr1_label_alt_id 
_struct_conn.pdbx_ptnr1_PDB_ins_code 
_struct_conn.pdbx_ptnr1_standard_comp_id 
_struct_conn.ptnr1_symmetry 
_struct_conn.ptnr2_label_asym_id 
_struct_conn.ptnr2_label_comp_id 
_struct_conn.ptnr2_label_seq_id 
_struct_conn.ptnr2_label_atom_id 
_struct_conn.pdbx_ptnr2_label_alt_id 
_struct_conn.pdbx_ptnr2_PDB_ins_code 
_struct_conn.ptnr1_auth_asym_id 
_struct_conn.ptnr1_auth_comp_id 
_struct_conn.ptnr1_auth_seq_id 
_struct_conn.ptnr2_auth_asym_id 
_struct_conn.ptnr2_auth_comp_id 
_struct_conn.ptnr2_auth_seq_id 
_struct_conn.ptnr2_symmetry 
_struct_conn.pdbx_ptnr3_label_atom_id 
_struct_conn.pdbx_ptnr3_label_seq_id 
_struct_conn.pdbx_ptnr3_label_comp_id 
_struct_conn.pdbx_ptnr3_label_asym_id 
_struct_conn.pdbx_ptnr3_label_alt_id 
_struct_conn.pdbx_ptnr3_PDB_ins_code 
_struct_conn.details 
_struct_conn.pdbx_dist_value 
_struct_conn.pdbx_value_order 
_struct_conn.pdbx_role 
hydrog1  hydrog ? ? A C 1 N3 ? ? ? 1_555 B G 6 N1 ? ? A C 1 B G 12 1_555 ? ? ? ? ? ? WATSON-CRICK ? ? ? 
hydrog2  hydrog ? ? A C 1 N4 ? ? ? 1_555 B G 6 O6 ? ? A C 1 B G 12 1_555 ? ? ? ? ? ? WATSON-CRICK ? ? ? 
hydrog3  hydrog ? ? A C 1 O2 ? ? ? 1_555 B G 6 N2 ? ? A C 1 B G 12 1_555 ? ? ? ? ? ? WATSON-CRICK ? ? ? 
hydrog4  hydrog ? ? A G 2 N1 ? ? ? 1_555 B C 5 N3 ? ? A G 2 B C 11 1_555 ? ? ? ? ? ? WATSON-CRICK ? ? ? 
hydrog5  hydrog ? ? A G 2 N2 ? ? ? 1_555 B C 5 O2 ? ? A G 2 B C 11 1_555 ? ? ? ? ? ? WATSON-CRICK ? ? ? 
hydrog6  hydrog ? ? A G 2 O6 ? ? ? 1_555 B C 5 N4 ? ? A G 2 B C 11 1_555 ? ? ? ? ? ? WATSON-CRICK ? ? ? 
hydrog7  hydrog ? ? A C 3 N3 ? ? ? 1_555 B G 4 N1 ? ? A C 3 B G 10 1_555 ? ? ? ? ? ? WATSON-CRICK ? ? ? 
hydrog8  hydrog ? ? A C 3 N4 ? ? ? 1_555 B G 4 O6 ? ? A C 3 B G 10 1_555 ? ? ? ? ? ? WATSON-CRICK ? ? ? 
hydrog9  hydrog ? ? A C 3 O2 ? ? ? 1_555 B G 4 N2 ? ? A C 3 B G 10 1_555 ? ? ? ? ? ? WATSON-CRICK ? ? ? 
hydrog10 hydrog ? ? A G 4 N1 ? ? ? 1_555 B C 3 N3 ? ? A G 4 B C 9  1_555 ? ? ? ? ? ? WATSON-CRICK ? ? ? 
hydrog11 hydrog ? ? A G 4 N2 ? ? ? 1_555 B C 3 O2 ? ? A G 4 B C 9  1_555 ? ? ? ? ? ? WATSON-CRICK ? ? ? 
hydrog12 hydrog ? ? A G 4 O6 ? ? ? 1_555 B C 3 N4 ? ? A G 4 B C 9  1_555 ? ? ? ? ? ? WATSON-CRICK ? ? ? 
hydrog13 hydrog ? ? A C 5 N3 ? ? ? 1_555 B G 2 N1 ? ? A C 5 B G 8  1_555 ? ? ? ? ? ? WATSON-CRICK ? ? ? 
hydrog14 hydrog ? ? A C 5 N4 ? ? ? 1_555 B G 2 O6 ? ? A C 5 B G 8  1_555 ? ? ? ? ? ? WATSON-CRICK ? ? ? 
hydrog15 hydrog ? ? A C 5 O2 ? ? ? 1_555 B G 2 N2 ? ? A C 5 B G 8  1_555 ? ? ? ? ? ? WATSON-CRICK ? ? ? 
hydrog16 hydrog ? ? A G 6 N1 ? ? ? 1_555 B C 1 N3 ? ? A G 6 B C 7  1_555 ? ? ? ? ? ? WATSON-CRICK ? ? ? 
hydrog17 hydrog ? ? A G 6 N2 ? ? ? 1_555 B C 1 O2 ? ? A G 6 B C 7  1_555 ? ? ? ? ? ? WATSON-CRICK ? ? ? 
hydrog18 hydrog ? ? A G 6 O6 ? ? ? 1_555 B C 1 N4 ? ? A G 6 B C 7  1_555 ? ? ? ? ? ? WATSON-CRICK ? ? ? 
# 
_struct_conn_type.id          hydrog 
_struct_conn_type.criteria    ? 
_struct_conn_type.reference   ? 
# 
loop_
_pdbx_validate_rmsd_angle.id 
_pdbx_validate_rmsd_angle.PDB_model_num 
_pdbx_validate_rmsd_angle.auth_atom_id_1 
_pdbx_validate_rmsd_angle.auth_asym_id_1 
_pdbx_validate_rmsd_angle.auth_comp_id_1 
_pdbx_validate_rmsd_angle.auth_seq_id_1 
_pdbx_validate_rmsd_angle.PDB_ins_code_1 
_pdbx_validate_rmsd_angle.label_alt_id_1 
_pdbx_validate_rmsd_angle.auth_atom_id_2 
_pdbx_validate_rmsd_angle.auth_asym_id_2 
_pdbx_validate_rmsd_angle.auth_comp_id_2 
_pdbx_validate_rmsd_angle.auth_seq_id_2 
_pdbx_validate_rmsd_angle.PDB_ins_code_2 
_pdbx_validate_rmsd_angle.label_alt_id_2 
_pdbx_validate_rmsd_angle.auth_atom_id_3 
_pdbx_validate_rmsd_angle.auth_asym_id_3 
_pdbx_validate_rmsd_angle.auth_comp_id_3 
_pdbx_validate_rmsd_angle.auth_seq_id_3 
_pdbx_validate_rmsd_angle.PDB_ins_code_3 
_pdbx_validate_rmsd_angle.label_alt_id_3 
_pdbx_validate_rmsd_angle.angle_value 
_pdbx_validate_rmsd_angle.angle_target_value 
_pdbx_validate_rmsd_angle.angle_deviation 
_pdbx_validate_rmsd_angle.angle_standard_deviation 
_pdbx_validate_rmsd_angle.linker_flag 
1  1 C5 A G 2  ? ? C6 A G 2  ? ? N1 A G 2  ? ? 114.99 111.50 3.49  0.50 N 
2  1 C8 A G 2  ? ? N9 A G 2  ? ? C4 A G 2  ? ? 109.18 106.40 2.78  0.40 N 
3  1 N1 A G 2  ? ? C6 A G 2  ? ? O6 A G 2  ? ? 116.29 119.90 -3.61 0.60 N 
4  1 C5 A G 4  ? ? C6 A G 4  ? ? N1 A G 4  ? ? 115.09 111.50 3.59  0.50 N 
5  1 C8 A G 4  ? ? N9 A G 4  ? ? C4 A G 4  ? ? 108.85 106.40 2.45  0.40 N 
6  1 C5 A G 6  ? ? C6 A G 6  ? ? N1 A G 6  ? ? 114.62 111.50 3.12  0.50 N 
7  1 C8 A G 6  ? ? N9 A G 6  ? ? C4 A G 6  ? ? 109.16 106.40 2.76  0.40 N 
8  1 N1 A G 6  ? ? C6 A G 6  ? ? O6 A G 6  ? ? 116.03 119.90 -3.87 0.60 N 
9  1 C5 B G 8  ? ? C6 B G 8  ? ? N1 B G 8  ? ? 115.13 111.50 3.63  0.50 N 
10 1 C8 B G 8  ? ? N9 B G 8  ? ? C4 B G 8  ? ? 108.99 106.40 2.59  0.40 N 
11 1 N1 B G 8  ? ? C6 B G 8  ? ? O6 B G 8  ? ? 116.11 119.90 -3.79 0.60 N 
12 1 N3 B C 9  ? ? C4 B C 9  ? ? C5 B C 9  ? ? 124.37 121.90 2.47  0.40 N 
13 1 C5 B G 10 ? ? C6 B G 10 ? ? N1 B G 10 ? ? 114.98 111.50 3.48  0.50 N 
14 1 C8 B G 10 ? ? N9 B G 10 ? ? C4 B G 10 ? ? 108.87 106.40 2.47  0.40 N 
15 1 N1 B G 10 ? ? C6 B G 10 ? ? O6 B G 10 ? ? 116.27 119.90 -3.63 0.60 N 
16 1 C5 B G 12 ? ? C6 B G 12 ? ? N1 B G 12 ? ? 114.65 111.50 3.15  0.50 N 
17 1 C8 B G 12 ? ? N9 B G 12 ? ? C4 B G 12 ? ? 109.05 106.40 2.65  0.40 N 
18 1 N1 B G 12 ? ? C6 B G 12 ? ? O6 B G 12 ? ? 115.97 119.90 -3.93 0.60 N 
# 
loop_
_pdbx_validate_planes.id 
_pdbx_validate_planes.PDB_model_num 
_pdbx_validate_planes.auth_comp_id 
_pdbx_validate_planes.auth_asym_id 
_pdbx_validate_planes.auth_seq_id 
_pdbx_validate_planes.PDB_ins_code 
_pdbx_validate_planes.label_alt_id 
_pdbx_validate_planes.rmsd 
_pdbx_validate_planes.type 
1 1 C A 1  ? ? 0.098 'SIDE CHAIN' 
2 1 G A 2  ? ? 0.135 'SIDE CHAIN' 
3 1 C A 3  ? ? 0.112 'SIDE CHAIN' 
4 1 G A 4  ? ? 0.075 'SIDE CHAIN' 
5 1 C B 7  ? ? 0.097 'SIDE CHAIN' 
6 1 G B 8  ? ? 0.133 'SIDE CHAIN' 
7 1 C B 9  ? ? 0.113 'SIDE CHAIN' 
8 1 G B 10 ? ? 0.068 'SIDE CHAIN' 
# 
_pdbx_nmr_ensemble.entry_id                             1PBM 
_pdbx_nmr_ensemble.conformers_calculated_total_number   106 
_pdbx_nmr_ensemble.conformers_submitted_total_number    1 
_pdbx_nmr_ensemble.conformer_selection_criteria         'R 1/6 VALUE' 
# 
_pdbx_nmr_exptl_sample_conditions.conditions_id       1 
_pdbx_nmr_exptl_sample_conditions.temperature         300 
_pdbx_nmr_exptl_sample_conditions.pressure            ? 
_pdbx_nmr_exptl_sample_conditions.pH                  6.5 
_pdbx_nmr_exptl_sample_conditions.ionic_strength      ? 
_pdbx_nmr_exptl_sample_conditions.pressure_units      . 
_pdbx_nmr_exptl_sample_conditions.temperature_units   K 
# 
_pdbx_nmr_refine.entry_id           1PBM 
_pdbx_nmr_refine.method             'IRMA, RMD' 
_pdbx_nmr_refine.details            ? 
_pdbx_nmr_refine.software_ordinal   1 
# 
loop_
_pdbx_nmr_software.classification 
_pdbx_nmr_software.name 
_pdbx_nmr_software.version 
_pdbx_nmr_software.authors 
_pdbx_nmr_software.ordinal 
refinement           Discover   ? BIOSYM 1 
'structure solution' Felix      ? ?      2 
'structure solution' NMRCHITECT ? ?      3 
'structure solution' Discover   ? ?      4 
# 
loop_
_chem_comp_atom.comp_id 
_chem_comp_atom.atom_id 
_chem_comp_atom.type_symbol 
_chem_comp_atom.pdbx_aromatic_flag 
_chem_comp_atom.pdbx_stereo_config 
_chem_comp_atom.pdbx_ordinal 
C OP3    O N N 1  
C P      P N N 2  
C OP1    O N N 3  
C OP2    O N N 4  
C "O5'"  O N N 5  
C "C5'"  C N N 6  
C "C4'"  C N R 7  
C "O4'"  O N N 8  
C "C3'"  C N S 9  
C "O3'"  O N N 10 
C "C2'"  C N R 11 
C "O2'"  O N N 12 
C "C1'"  C N R 13 
C N1     N N N 14 
C C2     C N N 15 
C O2     O N N 16 
C N3     N N N 17 
C C4     C N N 18 
C N4     N N N 19 
C C5     C N N 20 
C C6     C N N 21 
C HOP3   H N N 22 
C HOP2   H N N 23 
C "H5'"  H N N 24 
C "H5''" H N N 25 
C "H4'"  H N N 26 
C "H3'"  H N N 27 
C "HO3'" H N N 28 
C "H2'"  H N N 29 
C "HO2'" H N N 30 
C "H1'"  H N N 31 
C H41    H N N 32 
C H42    H N N 33 
C H5     H N N 34 
C H6     H N N 35 
G OP3    O N N 36 
G P      P N N 37 
G OP1    O N N 38 
G OP2    O N N 39 
G "O5'"  O N N 40 
G "C5'"  C N N 41 
G "C4'"  C N R 42 
G "O4'"  O N N 43 
G "C3'"  C N S 44 
G "O3'"  O N N 45 
G "C2'"  C N R 46 
G "O2'"  O N N 47 
G "C1'"  C N R 48 
G N9     N Y N 49 
G C8     C Y N 50 
G N7     N Y N 51 
G C5     C Y N 52 
G C6     C N N 53 
G O6     O N N 54 
G N1     N N N 55 
G C2     C N N 56 
G N2     N N N 57 
G N3     N N N 58 
G C4     C Y N 59 
G HOP3   H N N 60 
G HOP2   H N N 61 
G "H5'"  H N N 62 
G "H5''" H N N 63 
G "H4'"  H N N 64 
G "H3'"  H N N 65 
G "HO3'" H N N 66 
G "H2'"  H N N 67 
G "HO2'" H N N 68 
G "H1'"  H N N 69 
G H8     H N N 70 
G H1     H N N 71 
G H21    H N N 72 
G H22    H N N 73 
# 
loop_
_chem_comp_bond.comp_id 
_chem_comp_bond.atom_id_1 
_chem_comp_bond.atom_id_2 
_chem_comp_bond.value_order 
_chem_comp_bond.pdbx_aromatic_flag 
_chem_comp_bond.pdbx_stereo_config 
_chem_comp_bond.pdbx_ordinal 
C OP3   P      sing N N 1  
C OP3   HOP3   sing N N 2  
C P     OP1    doub N N 3  
C P     OP2    sing N N 4  
C P     "O5'"  sing N N 5  
C OP2   HOP2   sing N N 6  
C "O5'" "C5'"  sing N N 7  
C "C5'" "C4'"  sing N N 8  
C "C5'" "H5'"  sing N N 9  
C "C5'" "H5''" sing N N 10 
C "C4'" "O4'"  sing N N 11 
C "C4'" "C3'"  sing N N 12 
C "C4'" "H4'"  sing N N 13 
C "O4'" "C1'"  sing N N 14 
C "C3'" "O3'"  sing N N 15 
C "C3'" "C2'"  sing N N 16 
C "C3'" "H3'"  sing N N 17 
C "O3'" "HO3'" sing N N 18 
C "C2'" "O2'"  sing N N 19 
C "C2'" "C1'"  sing N N 20 
C "C2'" "H2'"  sing N N 21 
C "O2'" "HO2'" sing N N 22 
C "C1'" N1     sing N N 23 
C "C1'" "H1'"  sing N N 24 
C N1    C2     sing N N 25 
C N1    C6     sing N N 26 
C C2    O2     doub N N 27 
C C2    N3     sing N N 28 
C N3    C4     doub N N 29 
C C4    N4     sing N N 30 
C C4    C5     sing N N 31 
C N4    H41    sing N N 32 
C N4    H42    sing N N 33 
C C5    C6     doub N N 34 
C C5    H5     sing N N 35 
C C6    H6     sing N N 36 
G OP3   P      sing N N 37 
G OP3   HOP3   sing N N 38 
G P     OP1    doub N N 39 
G P     OP2    sing N N 40 
G P     "O5'"  sing N N 41 
G OP2   HOP2   sing N N 42 
G "O5'" "C5'"  sing N N 43 
G "C5'" "C4'"  sing N N 44 
G "C5'" "H5'"  sing N N 45 
G "C5'" "H5''" sing N N 46 
G "C4'" "O4'"  sing N N 47 
G "C4'" "C3'"  sing N N 48 
G "C4'" "H4'"  sing N N 49 
G "O4'" "C1'"  sing N N 50 
G "C3'" "O3'"  sing N N 51 
G "C3'" "C2'"  sing N N 52 
G "C3'" "H3'"  sing N N 53 
G "O3'" "HO3'" sing N N 54 
G "C2'" "O2'"  sing N N 55 
G "C2'" "C1'"  sing N N 56 
G "C2'" "H2'"  sing N N 57 
G "O2'" "HO2'" sing N N 58 
G "C1'" N9     sing N N 59 
G "C1'" "H1'"  sing N N 60 
G N9    C8     sing Y N 61 
G N9    C4     sing Y N 62 
G C8    N7     doub Y N 63 
G C8    H8     sing N N 64 
G N7    C5     sing Y N 65 
G C5    C6     sing N N 66 
G C5    C4     doub Y N 67 
G C6    O6     doub N N 68 
G C6    N1     sing N N 69 
G N1    C2     sing N N 70 
G N1    H1     sing N N 71 
G C2    N2     sing N N 72 
G C2    N3     doub N N 73 
G N2    H21    sing N N 74 
G N2    H22    sing N N 75 
G N3    C4     sing N N 76 
# 
_ndb_struct_conf_na.entry_id   1PBM 
_ndb_struct_conf_na.feature    'a-form double helix' 
# 
loop_
_ndb_struct_na_base_pair.model_number 
_ndb_struct_na_base_pair.i_label_asym_id 
_ndb_struct_na_base_pair.i_label_comp_id 
_ndb_struct_na_base_pair.i_label_seq_id 
_ndb_struct_na_base_pair.i_symmetry 
_ndb_struct_na_base_pair.j_label_asym_id 
_ndb_struct_na_base_pair.j_label_comp_id 
_ndb_struct_na_base_pair.j_label_seq_id 
_ndb_struct_na_base_pair.j_symmetry 
_ndb_struct_na_base_pair.shear 
_ndb_struct_na_base_pair.stretch 
_ndb_struct_na_base_pair.stagger 
_ndb_struct_na_base_pair.buckle 
_ndb_struct_na_base_pair.propeller 
_ndb_struct_na_base_pair.opening 
_ndb_struct_na_base_pair.pair_number 
_ndb_struct_na_base_pair.pair_name 
_ndb_struct_na_base_pair.i_auth_asym_id 
_ndb_struct_na_base_pair.i_auth_seq_id 
_ndb_struct_na_base_pair.i_PDB_ins_code 
_ndb_struct_na_base_pair.j_auth_asym_id 
_ndb_struct_na_base_pair.j_auth_seq_id 
_ndb_struct_na_base_pair.j_PDB_ins_code 
_ndb_struct_na_base_pair.hbond_type_28 
_ndb_struct_na_base_pair.hbond_type_12 
1 A C 1 1_555 B G 6 1_555 -0.122 -0.177 0.498 9.909   -31.115 -4.205 1 A_C1:G12_B A 1 ? B 12 ? 19 1 
1 A G 2 1_555 B C 5 1_555 -0.576 -0.176 0.278 2.594   -17.509 -4.309 2 A_G2:C11_B A 2 ? B 11 ? 19 1 
1 A C 3 1_555 B G 4 1_555 0.304  -0.136 0.234 4.086   -21.524 -3.511 3 A_C3:G10_B A 3 ? B 10 ? 19 1 
1 A G 4 1_555 B C 3 1_555 -0.232 -0.133 0.249 -1.685  -21.420 -3.882 4 A_G4:C9_B  A 4 ? B 9  ? 19 1 
1 A C 5 1_555 B G 2 1_555 0.565  -0.175 0.226 -2.131  -17.628 -3.994 5 A_C5:G8_B  A 5 ? B 8  ? 19 1 
1 A G 6 1_555 B C 1 1_555 0.010  -0.160 0.321 -11.918 -32.355 -3.782 6 A_G6:C7_B  A 6 ? B 7  ? 19 1 
# 
loop_
_ndb_struct_na_base_pair_step.model_number 
_ndb_struct_na_base_pair_step.i_label_asym_id_1 
_ndb_struct_na_base_pair_step.i_label_comp_id_1 
_ndb_struct_na_base_pair_step.i_label_seq_id_1 
_ndb_struct_na_base_pair_step.i_symmetry_1 
_ndb_struct_na_base_pair_step.j_label_asym_id_1 
_ndb_struct_na_base_pair_step.j_label_comp_id_1 
_ndb_struct_na_base_pair_step.j_label_seq_id_1 
_ndb_struct_na_base_pair_step.j_symmetry_1 
_ndb_struct_na_base_pair_step.i_label_asym_id_2 
_ndb_struct_na_base_pair_step.i_label_comp_id_2 
_ndb_struct_na_base_pair_step.i_label_seq_id_2 
_ndb_struct_na_base_pair_step.i_symmetry_2 
_ndb_struct_na_base_pair_step.j_label_asym_id_2 
_ndb_struct_na_base_pair_step.j_label_comp_id_2 
_ndb_struct_na_base_pair_step.j_label_seq_id_2 
_ndb_struct_na_base_pair_step.j_symmetry_2 
_ndb_struct_na_base_pair_step.shift 
_ndb_struct_na_base_pair_step.slide 
_ndb_struct_na_base_pair_step.rise 
_ndb_struct_na_base_pair_step.tilt 
_ndb_struct_na_base_pair_step.roll 
_ndb_struct_na_base_pair_step.twist 
_ndb_struct_na_base_pair_step.x_displacement 
_ndb_struct_na_base_pair_step.y_displacement 
_ndb_struct_na_base_pair_step.helical_rise 
_ndb_struct_na_base_pair_step.inclination 
_ndb_struct_na_base_pair_step.tip 
_ndb_struct_na_base_pair_step.helical_twist 
_ndb_struct_na_base_pair_step.step_number 
_ndb_struct_na_base_pair_step.step_name 
_ndb_struct_na_base_pair_step.i_auth_asym_id_1 
_ndb_struct_na_base_pair_step.i_auth_seq_id_1 
_ndb_struct_na_base_pair_step.i_PDB_ins_code_1 
_ndb_struct_na_base_pair_step.j_auth_asym_id_1 
_ndb_struct_na_base_pair_step.j_auth_seq_id_1 
_ndb_struct_na_base_pair_step.j_PDB_ins_code_1 
_ndb_struct_na_base_pair_step.i_auth_asym_id_2 
_ndb_struct_na_base_pair_step.i_auth_seq_id_2 
_ndb_struct_na_base_pair_step.i_PDB_ins_code_2 
_ndb_struct_na_base_pair_step.j_auth_asym_id_2 
_ndb_struct_na_base_pair_step.j_auth_seq_id_2 
_ndb_struct_na_base_pair_step.j_PDB_ins_code_2 
1 A C 1 1_555 B G 6 1_555 A G 2 1_555 B C 5 1_555 -0.539 -1.275 2.985 -2.301 17.089 31.641 -4.087 0.602  2.081 28.820 3.881  
35.929 1 AA_C1G2:C11G12_BB A 1 ? B 12 ? A 2 ? B 11 ? 
1 A G 2 1_555 B C 5 1_555 A C 3 1_555 B G 4 1_555 -0.324 -0.816 3.071 -1.094 7.907  35.454 -2.320 0.380  2.838 12.784 1.768  
36.313 2 AA_G2C3:G10C11_BB A 2 ? B 11 ? A 3 ? B 10 ? 
1 A C 3 1_555 B G 4 1_555 A G 4 1_555 B C 3 1_555 -0.062 -0.864 3.000 -0.229 19.603 32.810 -3.448 0.070  2.165 31.453 0.368  
38.082 3 AA_C3G4:C9G10_BB  A 3 ? B 10 ? A 4 ? B 9  ? 
1 A G 4 1_555 B C 3 1_555 A C 5 1_555 B G 2 1_555 0.277  -0.788 3.110 1.493  8.304  35.025 -2.370 -0.251 2.864 13.556 -2.438 
35.996 4 AA_G4C5:G8C9_BB   A 4 ? B 9  ? A 5 ? B 8  ? 
1 A C 5 1_555 B G 2 1_555 A G 6 1_555 B C 1 1_555 0.519  -1.193 3.074 2.925  20.137 31.815 -4.081 -0.481 2.030 32.870 -4.775 
37.623 5 AA_C5G6:C7G8_BB   A 5 ? B 8  ? A 6 ? B 7  ? 
# 
_pdbx_nmr_spectrometer.spectrometer_id   1 
_pdbx_nmr_spectrometer.model             UNITYPLUS 
_pdbx_nmr_spectrometer.manufacturer      Varian 
_pdbx_nmr_spectrometer.field_strength    500 
# 
_atom_sites.entry_id                    1PBM 
_atom_sites.fract_transf_matrix[1][1]   1.000000 
_atom_sites.fract_transf_matrix[1][2]   0.000000 
_atom_sites.fract_transf_matrix[1][3]   0.000000 
_atom_sites.fract_transf_matrix[2][1]   0.000000 
_atom_sites.fract_transf_matrix[2][2]   1.000000 
_atom_sites.fract_transf_matrix[2][3]   0.000000 
_atom_sites.fract_transf_matrix[3][1]   0.000000 
_atom_sites.fract_transf_matrix[3][2]   0.000000 
_atom_sites.fract_transf_matrix[3][3]   1.000000 
_atom_sites.fract_transf_vector[1]      0.00000 
_atom_sites.fract_transf_vector[2]      0.00000 
_atom_sites.fract_transf_vector[3]      0.00000 
# 
loop_
_atom_type.symbol 
C 
H 
N 
O 
P 
# 
loop_
_atom_site.group_PDB 
_atom_site.id 
_atom_site.type_symbol 
_atom_site.label_atom_id 
_atom_site.label_alt_id 
_atom_site.label_comp_id 
_atom_site.label_asym_id 
_atom_site.label_entity_id 
_atom_site.label_seq_id 
_atom_site.pdbx_PDB_ins_code 
_atom_site.Cartn_x 
_atom_site.Cartn_y 
_atom_site.Cartn_z 
_atom_site.occupancy 
_atom_site.B_iso_or_equiv 
_atom_site.pdbx_formal_charge 
_atom_site.auth_seq_id 
_atom_site.auth_comp_id 
_atom_site.auth_asym_id 
_atom_site.auth_atom_id 
_atom_site.pdbx_PDB_model_num 
ATOM 1   O "O5'"  . C A 1 1 ? -9.570  0.863   4.433   1.00 0.00 ? 1  C A "O5'"  1 
ATOM 2   C "C5'"  . C A 1 1 ? -10.533 -0.110  4.796   1.00 0.00 ? 1  C A "C5'"  1 
ATOM 3   C "C4'"  . C A 1 1 ? -10.175 -1.505  4.261   1.00 0.00 ? 1  C A "C4'"  1 
ATOM 4   O "O4'"  . C A 1 1 ? -10.245 -1.575  2.841   1.00 0.00 ? 1  C A "O4'"  1 
ATOM 5   C "C3'"  . C A 1 1 ? -8.758  -1.952  4.630   1.00 0.00 ? 1  C A "C3'"  1 
ATOM 6   O "O3'"  . C A 1 1 ? -8.622  -2.274  6.008   1.00 0.00 ? 1  C A "O3'"  1 
ATOM 7   C "C2'"  . C A 1 1 ? -8.625  -3.131  3.650   1.00 0.00 ? 1  C A "C2'"  1 
ATOM 8   O "O2'"  . C A 1 1 ? -9.311  -4.308  4.070   1.00 0.00 ? 1  C A "O2'"  1 
ATOM 9   C "C1'"  . C A 1 1 ? -9.309  -2.550  2.396   1.00 0.00 ? 1  C A "C1'"  1 
ATOM 10  N N1     . C A 1 1 ? -8.321  -1.936  1.460   1.00 0.00 ? 1  C A N1     1 
ATOM 11  C C2     . C A 1 1 ? -7.727  -2.758  0.502   1.00 0.00 ? 1  C A C2     1 
ATOM 12  O O2     . C A 1 1 ? -7.863  -3.974  0.549   1.00 0.00 ? 1  C A O2     1 
ATOM 13  N N3     . C A 1 1 ? -6.986  -2.240  -0.496  1.00 0.00 ? 1  C A N3     1 
ATOM 14  C C4     . C A 1 1 ? -6.728  -0.958  -0.468  1.00 0.00 ? 1  C A C4     1 
ATOM 15  N N4     . C A 1 1 ? -6.147  -0.494  -1.523  1.00 0.00 ? 1  C A N4     1 
ATOM 16  C C5     . C A 1 1 ? -7.218  -0.069  0.517   1.00 0.00 ? 1  C A C5     1 
ATOM 17  C C6     . C A 1 1 ? -8.021  -0.596  1.468   1.00 0.00 ? 1  C A C6     1 
ATOM 18  H "H5'"  . C A 1 1 ? -11.504 0.189   4.399   1.00 0.00 ? 1  C A "H5'"  1 
ATOM 19  H "H5''" . C A 1 1 ? -10.596 -0.144  5.883   1.00 0.00 ? 1  C A "H5''" 1 
ATOM 20  H "H4'"  . C A 1 1 ? -10.886 -2.225  4.672   1.00 0.00 ? 1  C A "H4'"  1 
ATOM 21  H "H3'"  . C A 1 1 ? -8.055  -1.168  4.338   1.00 0.00 ? 1  C A "H3'"  1 
ATOM 22  H "H2'"  . C A 1 1 ? -7.586  -3.387  3.467   1.00 0.00 ? 1  C A "H2'"  1 
ATOM 23  H "HO2'" . C A 1 1 ? -9.118  -5.014  3.445   1.00 0.00 ? 1  C A "HO2'" 1 
ATOM 24  H "H1'"  . C A 1 1 ? -9.878  -3.331  1.884   1.00 0.00 ? 1  C A "H1'"  1 
ATOM 25  H H41    . C A 1 1 ? -5.881  -1.190  -2.198  1.00 0.00 ? 1  C A H41    1 
ATOM 26  H H42    . C A 1 1 ? -5.891  0.467   -1.579  1.00 0.00 ? 1  C A H42    1 
ATOM 27  H H5     . C A 1 1 ? -6.986  0.981   0.511   1.00 0.00 ? 1  C A H5     1 
ATOM 28  H H6     . C A 1 1 ? -8.440  0.055   2.225   1.00 0.00 ? 1  C A H6     1 
ATOM 29  H "HO5'" . C A 1 1 ? -9.867  1.719   4.751   1.00 0.00 ? 1  C A "HO5'" 1 
ATOM 30  P P      . G A 1 2 ? -7.183  -2.323  6.707   1.00 0.00 ? 2  G A P      1 
ATOM 31  O OP1    . G A 1 2 ? -7.357  -2.768  8.105   1.00 0.00 ? 2  G A OP1    1 
ATOM 32  O OP2    . G A 1 2 ? -6.487  -1.052  6.416   1.00 0.00 ? 2  G A OP2    1 
ATOM 33  O "O5'"  . G A 1 2 ? -6.418  -3.494  5.902   1.00 0.00 ? 2  G A "O5'"  1 
ATOM 34  C "C5'"  . G A 1 2 ? -6.741  -4.868  6.085   1.00 0.00 ? 2  G A "C5'"  1 
ATOM 35  C "C4'"  . G A 1 2 ? -5.860  -5.753  5.182   1.00 0.00 ? 2  G A "C4'"  1 
ATOM 36  O "O4'"  . G A 1 2 ? -6.084  -5.494  3.789   1.00 0.00 ? 2  G A "O4'"  1 
ATOM 37  C "C3'"  . G A 1 2 ? -4.369  -5.534  5.410   1.00 0.00 ? 2  G A "C3'"  1 
ATOM 38  O "O3'"  . G A 1 2 ? -3.961  -6.221  6.614   1.00 0.00 ? 2  G A "O3'"  1 
ATOM 39  C "C2'"  . G A 1 2 ? -3.779  -6.041  4.068   1.00 0.00 ? 2  G A "C2'"  1 
ATOM 40  O "O2'"  . G A 1 2 ? -3.558  -7.448  4.074   1.00 0.00 ? 2  G A "O2'"  1 
ATOM 41  C "C1'"  . G A 1 2 ? -4.872  -5.678  3.044   1.00 0.00 ? 2  G A "C1'"  1 
ATOM 42  N N9     . G A 1 2 ? -4.559  -4.478  2.292   1.00 0.00 ? 2  G A N9     1 
ATOM 43  C C8     . G A 1 2 ? -4.935  -3.208  2.622   1.00 0.00 ? 2  G A C8     1 
ATOM 44  N N7     . G A 1 2 ? -4.636  -2.360  1.680   1.00 0.00 ? 2  G A N7     1 
ATOM 45  C C5     . G A 1 2 ? -3.980  -3.151  0.704   1.00 0.00 ? 2  G A C5     1 
ATOM 46  C C6     . G A 1 2 ? -3.433  -2.864  -0.591  1.00 0.00 ? 2  G A C6     1 
ATOM 47  O O6     . G A 1 2 ? -3.563  -1.858  -1.267  1.00 0.00 ? 2  G A O6     1 
ATOM 48  N N1     . G A 1 2 ? -2.672  -3.867  -1.134  1.00 0.00 ? 2  G A N1     1 
ATOM 49  C C2     . G A 1 2 ? -2.549  -5.072  -0.571  1.00 0.00 ? 2  G A C2     1 
ATOM 50  N N2     . G A 1 2 ? -1.776  -5.895  -1.202  1.00 0.00 ? 2  G A N2     1 
ATOM 51  N N3     . G A 1 2 ? -3.118  -5.456  0.565   1.00 0.00 ? 2  G A N3     1 
ATOM 52  C C4     . G A 1 2 ? -3.829  -4.445  1.140   1.00 0.00 ? 2  G A C4     1 
ATOM 53  H "H5'"  . G A 1 2 ? -7.786  -5.070  5.852   1.00 0.00 ? 2  G A "H5'"  1 
ATOM 54  H "H5''" . G A 1 2 ? -6.558  -5.164  7.121   1.00 0.00 ? 2  G A "H5''" 1 
ATOM 55  H "H4'"  . G A 1 2 ? -6.093  -6.813  5.366   1.00 0.00 ? 2  G A "H4'"  1 
ATOM 56  H "H3'"  . G A 1 2 ? -4.222  -4.445  5.485   1.00 0.00 ? 2  G A "H3'"  1 
ATOM 57  H "H2'"  . G A 1 2 ? -2.851  -5.505  3.838   1.00 0.00 ? 2  G A "H2'"  1 
ATOM 58  H "HO2'" . G A 1 2 ? -3.004  -7.699  3.307   1.00 0.00 ? 2  G A "HO2'" 1 
ATOM 59  H "H1'"  . G A 1 2 ? -5.022  -6.526  2.358   1.00 0.00 ? 2  G A "H1'"  1 
ATOM 60  H H8     . G A 1 2 ? -5.430  -2.925  3.538   1.00 0.00 ? 2  G A H8     1 
ATOM 61  H H1     . G A 1 2 ? -2.230  -3.657  -2.014  1.00 0.00 ? 2  G A H1     1 
ATOM 62  H H21    . G A 1 2 ? -1.317  -5.576  -2.040  1.00 0.00 ? 2  G A H21    1 
ATOM 63  H H22    . G A 1 2 ? -1.738  -6.827  -0.848  1.00 0.00 ? 2  G A H22    1 
ATOM 64  P P      . C A 1 3 ? -2.519  -5.753  7.182   1.00 0.00 ? 3  C A P      1 
ATOM 65  O OP1    . C A 1 3 ? -2.166  -6.620  8.325   1.00 0.00 ? 3  C A OP1    1 
ATOM 66  O OP2    . C A 1 3 ? -2.549  -4.286  7.353   1.00 0.00 ? 3  C A OP2    1 
ATOM 67  O "O5'"  . C A 1 3 ? -1.478  -6.070  5.991   1.00 0.00 ? 3  C A "O5'"  1 
ATOM 68  C "C5'"  . C A 1 3 ? -1.009  -7.382  5.715   1.00 0.00 ? 3  C A "C5'"  1 
ATOM 69  C "C4'"  . C A 1 3 ? -0.077  -7.353  4.489   1.00 0.00 ? 3  C A "C4'"  1 
ATOM 70  O "O4'"  . C A 1 3 ? -0.710  -6.832  3.306   1.00 0.00 ? 3  C A "O4'"  1 
ATOM 71  C "C3'"  . C A 1 3 ? 1.153   -6.480  4.705   1.00 0.00 ? 3  C A "C3'"  1 
ATOM 72  O "O3'"  . C A 1 3 ? 2.076   -7.145  5.592   1.00 0.00 ? 3  C A "O3'"  1 
ATOM 73  C "C2'"  . C A 1 3 ? 1.603   -6.280  3.239   1.00 0.00 ? 3  C A "C2'"  1 
ATOM 74  O "O2'"  . C A 1 3 ? 2.326   -7.412  2.758   1.00 0.00 ? 3  C A "O2'"  1 
ATOM 75  C "C1'"  . C A 1 3 ? 0.255   -6.119  2.501   1.00 0.00 ? 3  C A "C1'"  1 
ATOM 76  N N1     . C A 1 3 ? -0.128  -4.717  2.311   1.00 0.00 ? 3  C A N1     1 
ATOM 77  C C2     . C A 1 3 ? 0.267   -4.085  1.133   1.00 0.00 ? 3  C A C2     1 
ATOM 78  O O2     . C A 1 3 ? 1.074   -4.614  0.377   1.00 0.00 ? 3  C A O2     1 
ATOM 79  N N3     . C A 1 3 ? -0.218  -2.869  0.822   1.00 0.00 ? 3  C A N3     1 
ATOM 80  C C4     . C A 1 3 ? -0.997  -2.277  1.701   1.00 0.00 ? 3  C A C4     1 
ATOM 81  N N4     . C A 1 3 ? -1.556  -1.181  1.303   1.00 0.00 ? 3  C A N4     1 
ATOM 82  C C5     . C A 1 3 ? -1.303  -2.809  2.990   1.00 0.00 ? 3  C A C5     1 
ATOM 83  C C6     . C A 1 3 ? -0.835  -4.042  3.274   1.00 0.00 ? 3  C A C6     1 
ATOM 84  H "H5'"  . C A 1 3 ? -1.820  -8.086  5.524   1.00 0.00 ? 3  C A "H5'"  1 
ATOM 85  H "H5''" . C A 1 3 ? -0.433  -7.764  6.562   1.00 0.00 ? 3  C A "H5''" 1 
ATOM 86  H "H4'"  . C A 1 3 ? 0.254   -8.381  4.274   1.00 0.00 ? 3  C A "H4'"  1 
ATOM 87  H "H3'"  . C A 1 3 ? 0.794   -5.523  5.118   1.00 0.00 ? 3  C A "H3'"  1 
ATOM 88  H "H2'"  . C A 1 3 ? 2.202   -5.369  3.131   1.00 0.00 ? 3  C A "H2'"  1 
ATOM 89  H "HO2'" . C A 1 3 ? 1.747   -8.192  2.659   1.00 0.00 ? 3  C A "HO2'" 1 
ATOM 90  H "H1'"  . C A 1 3 ? 0.319   -6.634  1.528   1.00 0.00 ? 3  C A "H1'"  1 
ATOM 91  H H41    . C A 1 3 ? -1.316  -0.884  0.374   1.00 0.00 ? 3  C A H41    1 
ATOM 92  H H42    . C A 1 3 ? -2.237  -0.723  1.872   1.00 0.00 ? 3  C A H42    1 
ATOM 93  H H5     . C A 1 3 ? -1.880  -2.258  3.715   1.00 0.00 ? 3  C A H5     1 
ATOM 94  H H6     . C A 1 3 ? -1.030  -4.471  4.243   1.00 0.00 ? 3  C A H6     1 
ATOM 95  P P      . G A 1 4 ? 3.199   -6.155  6.222   1.00 0.00 ? 4  G A P      1 
ATOM 96  O OP1    . G A 1 4 ? 4.128   -6.966  7.034   1.00 0.00 ? 4  G A OP1    1 
ATOM 97  O OP2    . G A 1 4 ? 2.497   -5.007  6.833   1.00 0.00 ? 4  G A OP2    1 
ATOM 98  O "O5'"  . G A 1 4 ? 4.017   -5.595  4.951   1.00 0.00 ? 4  G A "O5'"  1 
ATOM 99  C "C5'"  . G A 1 4 ? 4.943   -6.395  4.227   1.00 0.00 ? 4  G A "C5'"  1 
ATOM 100 C "C4'"  . G A 1 4 ? 5.563   -5.567  3.088   1.00 0.00 ? 4  G A "C4'"  1 
ATOM 101 O "O4'"  . G A 1 4 ? 4.581   -5.117  2.144   1.00 0.00 ? 4  G A "O4'"  1 
ATOM 102 C "C3'"  . G A 1 4 ? 6.257   -4.302  3.585   1.00 0.00 ? 4  G A "C3'"  1 
ATOM 103 O "O3'"  . G A 1 4 ? 7.543   -4.633  4.157   1.00 0.00 ? 4  G A "O3'"  1 
ATOM 104 C "C2'"  . G A 1 4 ? 6.291   -3.474  2.283   1.00 0.00 ? 4  G A "C2'"  1 
ATOM 105 O "O2'"  . G A 1 4 ? 7.383   -3.883  1.463   1.00 0.00 ? 4  G A "O2'"  1 
ATOM 106 C "C1'"  . G A 1 4 ? 4.947   -3.831  1.614   1.00 0.00 ? 4  G A "C1'"  1 
ATOM 107 N N9     . G A 1 4 ? 3.893   -2.875  1.913   1.00 0.00 ? 4  G A N9     1 
ATOM 108 C C8     . G A 1 4 ? 3.079   -2.904  3.008   1.00 0.00 ? 4  G A C8     1 
ATOM 109 N N7     . G A 1 4 ? 2.156   -1.989  2.957   1.00 0.00 ? 4  G A N7     1 
ATOM 110 C C5     . G A 1 4 ? 2.447   -1.285  1.763   1.00 0.00 ? 4  G A C5     1 
ATOM 111 C C6     . G A 1 4 ? 1.839   -0.156  1.120   1.00 0.00 ? 4  G A C6     1 
ATOM 112 O O6     . G A 1 4 ? 0.831   0.450   1.441   1.00 0.00 ? 4  G A O6     1 
ATOM 113 N N1     . G A 1 4 ? 2.507   0.315   0.019   1.00 0.00 ? 4  G A N1     1 
ATOM 114 C C2     . G A 1 4 ? 3.621   -0.247  -0.451  1.00 0.00 ? 4  G A C2     1 
ATOM 115 N N2     . G A 1 4 ? 4.149   0.348   -1.468  1.00 0.00 ? 4  G A N2     1 
ATOM 116 N N3     . G A 1 4 ? 4.216   -1.316  0.053   1.00 0.00 ? 4  G A N3     1 
ATOM 117 C C4     . G A 1 4 ? 3.568   -1.792  1.151   1.00 0.00 ? 4  G A C4     1 
ATOM 118 H "H5'"  . G A 1 4 ? 4.477   -7.280  3.794   1.00 0.00 ? 4  G A "H5'"  1 
ATOM 119 H "H5''" . G A 1 4 ? 5.759   -6.723  4.878   1.00 0.00 ? 4  G A "H5''" 1 
ATOM 120 H "H4'"  . G A 1 4 ? 6.289   -6.188  2.539   1.00 0.00 ? 4  G A "H4'"  1 
ATOM 121 H "H3'"  . G A 1 4 ? 5.578   -3.829  4.313   1.00 0.00 ? 4  G A "H3'"  1 
ATOM 122 H "H2'"  . G A 1 4 ? 6.330   -2.399  2.493   1.00 0.00 ? 4  G A "H2'"  1 
ATOM 123 H "HO2'" . G A 1 4 ? 7.966   -4.495  1.951   1.00 0.00 ? 4  G A "HO2'" 1 
ATOM 124 H "H1'"  . G A 1 4 ? 5.090   -3.918  0.525   1.00 0.00 ? 4  G A "H1'"  1 
ATOM 125 H H8     . G A 1 4 ? 3.161   -3.598  3.826   1.00 0.00 ? 4  G A H8     1 
ATOM 126 H H1     . G A 1 4 ? 2.118   1.131   -0.423  1.00 0.00 ? 4  G A H1     1 
ATOM 127 H H21    . G A 1 4 ? 3.733   1.203   -1.800  1.00 0.00 ? 4  G A H21    1 
ATOM 128 H H22    . G A 1 4 ? 4.963   -0.086  -1.849  1.00 0.00 ? 4  G A H22    1 
ATOM 129 P P      . C A 1 5 ? 8.122   -3.490  5.163   1.00 0.00 ? 5  C A P      1 
ATOM 130 O OP1    . C A 1 5 ? 9.495   -3.870  5.552   1.00 0.00 ? 5  C A OP1    1 
ATOM 131 O OP2    . C A 1 5 ? 7.096   -3.242  6.197   1.00 0.00 ? 5  C A OP2    1 
ATOM 132 O "O5'"  . C A 1 5 ? 8.210   -2.179  4.230   1.00 0.00 ? 5  C A "O5'"  1 
ATOM 133 C "C5'"  . C A 1 5 ? 9.238   -1.989  3.268   1.00 0.00 ? 5  C A "C5'"  1 
ATOM 134 C "C4'"  . C A 1 5 ? 8.996   -0.692  2.474   1.00 0.00 ? 5  C A "C4'"  1 
ATOM 135 O "O4'"  . C A 1 5 ? 7.722   -0.675  1.807   1.00 0.00 ? 5  C A "O4'"  1 
ATOM 136 C "C3'"  . C A 1 5 ? 9.016   0.571   3.325   1.00 0.00 ? 5  C A "C3'"  1 
ATOM 137 O "O3'"  . C A 1 5 ? 10.369  0.892   3.709   1.00 0.00 ? 5  C A "O3'"  1 
ATOM 138 C "C2'"  . C A 1 5 ? 8.320   1.548   2.348   1.00 0.00 ? 5  C A "C2'"  1 
ATOM 139 O "O2'"  . C A 1 5 ? 9.222   2.014   1.345   1.00 0.00 ? 5  C A "O2'"  1 
ATOM 140 C "C1'"  . C A 1 5 ? 7.209   0.667   1.736   1.00 0.00 ? 5  C A "C1'"  1 
ATOM 141 N N1     . C A 1 5 ? 5.936   0.801   2.451   1.00 0.00 ? 5  C A N1     1 
ATOM 142 C C2     . C A 1 5 ? 5.047   1.790   2.026   1.00 0.00 ? 5  C A C2     1 
ATOM 143 O O2     . C A 1 5 ? 5.354   2.584   1.146   1.00 0.00 ? 5  C A O2     1 
ATOM 144 N N3     . C A 1 5 ? 3.843   1.909   2.613   1.00 0.00 ? 5  C A N3     1 
ATOM 145 C C4     . C A 1 5 ? 3.562   1.112   3.623   1.00 0.00 ? 5  C A C4     1 
ATOM 146 N N4     . C A 1 5 ? 2.366   1.213   4.100   1.00 0.00 ? 5  C A N4     1 
ATOM 147 C C5     . C A 1 5 ? 4.464   0.140   4.152   1.00 0.00 ? 5  C A C5     1 
ATOM 148 C C6     . C A 1 5 ? 5.659   0.012   3.539   1.00 0.00 ? 5  C A C6     1 
ATOM 149 H "H5'"  . C A 1 5 ? 9.288   -2.811  2.555   1.00 0.00 ? 5  C A "H5'"  1 
ATOM 150 H "H5''" . C A 1 5 ? 10.210  -1.903  3.760   1.00 0.00 ? 5  C A "H5''" 1 
ATOM 151 H "H4'"  . C A 1 5 ? 9.778   -0.607  1.704   1.00 0.00 ? 5  C A "H4'"  1 
ATOM 152 H "H3'"  . C A 1 5 ? 8.370   0.384   4.198   1.00 0.00 ? 5  C A "H3'"  1 
ATOM 153 H "H2'"  . C A 1 5 ? 7.873   2.388   2.888   1.00 0.00 ? 5  C A "H2'"  1 
ATOM 154 H "HO2'" . C A 1 5 ? 9.532   1.286   0.776   1.00 0.00 ? 5  C A "HO2'" 1 
ATOM 155 H "H1'"  . C A 1 5 ? 7.087   0.925   0.670   1.00 0.00 ? 5  C A "H1'"  1 
ATOM 156 H H41    . C A 1 5 ? 1.760   1.836   3.596   1.00 0.00 ? 5  C A H41    1 
ATOM 157 H H42    . C A 1 5 ? 2.060   0.616   4.839   1.00 0.00 ? 5  C A H42    1 
ATOM 158 H H5     . C A 1 5 ? 4.214   -0.469  5.005   1.00 0.00 ? 5  C A H5     1 
ATOM 159 H H6     . C A 1 5 ? 6.364   -0.705  3.922   1.00 0.00 ? 5  C A H6     1 
ATOM 160 P P      . G A 1 6 ? 10.460  1.973   4.924   1.00 0.00 ? 6  G A P      1 
ATOM 161 O OP1    . G A 1 6 ? 11.877  2.353   5.092   1.00 0.00 ? 6  G A OP1    1 
ATOM 162 O OP2    . G A 1 6 ? 9.706   1.410   6.065   1.00 0.00 ? 6  G A OP2    1 
ATOM 163 O "O5'"  . G A 1 6 ? 9.647   3.261   4.397   1.00 0.00 ? 6  G A "O5'"  1 
ATOM 164 C "C5'"  . G A 1 6 ? 10.212  4.186   3.474   1.00 0.00 ? 6  G A "C5'"  1 
ATOM 165 C "C4'"  . G A 1 6 ? 9.185   5.266   3.106   1.00 0.00 ? 6  G A "C4'"  1 
ATOM 166 O "O4'"  . G A 1 6 ? 7.970   4.703   2.591   1.00 0.00 ? 6  G A "O4'"  1 
ATOM 167 C "C3'"  . G A 1 6 ? 8.755   6.144   4.274   1.00 0.00 ? 6  G A "C3'"  1 
ATOM 168 O "O3'"  . G A 1 6 ? 9.713   7.143   4.565   1.00 0.00 ? 6  G A "O3'"  1 
ATOM 169 C "C2'"  . G A 1 6 ? 7.431   6.726   3.750   1.00 0.00 ? 6  G A "C2'"  1 
ATOM 170 O "O2'"  . G A 1 6 ? 7.670   7.856   2.907   1.00 0.00 ? 6  G A "O2'"  1 
ATOM 171 C "C1'"  . G A 1 6 ? 6.857   5.528   2.957   1.00 0.00 ? 6  G A "C1'"  1 
ATOM 172 N N9     . G A 1 6 ? 5.918   4.780   3.767   1.00 0.00 ? 6  G A N9     1 
ATOM 173 C C8     . G A 1 6 ? 6.192   3.727   4.590   1.00 0.00 ? 6  G A C8     1 
ATOM 174 N N7     . G A 1 6 ? 5.131   3.327   5.233   1.00 0.00 ? 6  G A N7     1 
ATOM 175 C C5     . G A 1 6 ? 4.115   4.220   4.808   1.00 0.00 ? 6  G A C5     1 
ATOM 176 C C6     . G A 1 6 ? 2.722   4.369   5.130   1.00 0.00 ? 6  G A C6     1 
ATOM 177 O O6     . G A 1 6 ? 2.016   3.684   5.857   1.00 0.00 ? 6  G A O6     1 
ATOM 178 N N1     . G A 1 6 ? 2.113   5.451   4.546   1.00 0.00 ? 6  G A N1     1 
ATOM 179 C C2     . G A 1 6 ? 2.730   6.277   3.700   1.00 0.00 ? 6  G A C2     1 
ATOM 180 N N2     . G A 1 6 ? 2.000   7.222   3.212   1.00 0.00 ? 6  G A N2     1 
ATOM 181 N N3     . G A 1 6 ? 3.998   6.195   3.336   1.00 0.00 ? 6  G A N3     1 
ATOM 182 C C4     . G A 1 6 ? 4.619   5.137   3.919   1.00 0.00 ? 6  G A C4     1 
ATOM 183 H "H5'"  . G A 1 6 ? 10.525  3.694   2.552   1.00 0.00 ? 6  G A "H5'"  1 
ATOM 184 H "H5''" . G A 1 6 ? 11.079  4.689   3.909   1.00 0.00 ? 6  G A "H5''" 1 
ATOM 185 H "H4'"  . G A 1 6 ? 9.610   5.919   2.328   1.00 0.00 ? 6  G A "H4'"  1 
ATOM 186 H "H3'"  . G A 1 6 ? 8.557   5.507   5.150   1.00 0.00 ? 6  G A "H3'"  1 
ATOM 187 H "HO3'" . G A 1 6 ? 9.515   7.920   4.000   1.00 0.00 ? 6  G A "HO3'" 1 
ATOM 188 H "H2'"  . G A 1 6 ? 6.782   6.995   4.598   1.00 0.00 ? 6  G A "H2'"  1 
ATOM 189 H "HO2'" . G A 1 6 ? 6.829   8.290   2.658   1.00 0.00 ? 6  G A "HO2'" 1 
ATOM 190 H "H1'"  . G A 1 6 ? 6.367   5.889   2.037   1.00 0.00 ? 6  G A "H1'"  1 
ATOM 191 H H8     . G A 1 6 ? 7.158   3.265   4.713   1.00 0.00 ? 6  G A H8     1 
ATOM 192 H H1     . G A 1 6 ? 1.131   5.580   4.723   1.00 0.00 ? 6  G A H1     1 
ATOM 193 H H21    . G A 1 6 ? 1.061   7.342   3.561   1.00 0.00 ? 6  G A H21    1 
ATOM 194 H H22    . G A 1 6 ? 2.452   7.837   2.567   1.00 0.00 ? 6  G A H22    1 
ATOM 195 O "O5'"  . C B 1 1 ? -7.000  6.338   4.434   1.00 0.00 ? 7  C B "O5'"  1 
ATOM 196 C "C5'"  . C B 1 1 ? -7.090  7.749   4.418   1.00 0.00 ? 7  C B "C5'"  1 
ATOM 197 C "C4'"  . C B 1 1 ? -5.750  8.414   4.063   1.00 0.00 ? 7  C B "C4'"  1 
ATOM 198 O "O4'"  . C B 1 1 ? -4.710  8.083   4.981   1.00 0.00 ? 7  C B "O4'"  1 
ATOM 199 C "C3'"  . C B 1 1 ? -5.214  8.042   2.677   1.00 0.00 ? 7  C B "C3'"  1 
ATOM 200 O "O3'"  . C B 1 1 ? -5.949  8.646   1.624   1.00 0.00 ? 7  C B "O3'"  1 
ATOM 201 C "C2'"  . C B 1 1 ? -3.773  8.558   2.844   1.00 0.00 ? 7  C B "C2'"  1 
ATOM 202 O "O2'"  . C B 1 1 ? -3.652  9.976   2.721   1.00 0.00 ? 7  C B "O2'"  1 
ATOM 203 C "C1'"  . C B 1 1 ? -3.464  8.124   4.289   1.00 0.00 ? 7  C B "C1'"  1 
ATOM 204 N N1     . C B 1 1 ? -2.788  6.791   4.340   1.00 0.00 ? 7  C B N1     1 
ATOM 205 C C2     . C B 1 1 ? -1.392  6.751   4.340   1.00 0.00 ? 7  C B C2     1 
ATOM 206 O O2     . C B 1 1 ? -0.728  7.756   4.123   1.00 0.00 ? 7  C B O2     1 
ATOM 207 N N3     . C B 1 1 ? -0.730  5.602   4.581   1.00 0.00 ? 7  C B N3     1 
ATOM 208 C C4     . C B 1 1 ? -1.426  4.501   4.691   1.00 0.00 ? 7  C B C4     1 
ATOM 209 N N4     . C B 1 1 ? -0.755  3.467   5.075   1.00 0.00 ? 7  C B N4     1 
ATOM 210 C C5     . C B 1 1 ? -2.837  4.440   4.613   1.00 0.00 ? 7  C B C5     1 
ATOM 211 C C6     . C B 1 1 ? -3.485  5.612   4.437   1.00 0.00 ? 7  C B C6     1 
ATOM 212 H "H5'"  . C B 1 1 ? -7.413  8.088   5.403   1.00 0.00 ? 7  C B "H5'"  1 
ATOM 213 H "H5''" . C B 1 1 ? -7.843  8.042   3.686   1.00 0.00 ? 7  C B "H5''" 1 
ATOM 214 H "H4'"  . C B 1 1 ? -5.905  9.493   4.096   1.00 0.00 ? 7  C B "H4'"  1 
ATOM 215 H "H3'"  . C B 1 1 ? -5.210  6.952   2.586   1.00 0.00 ? 7  C B "H3'"  1 
ATOM 216 H "H2'"  . C B 1 1 ? -3.095  8.099   2.130   1.00 0.00 ? 7  C B "H2'"  1 
ATOM 217 H "HO2'" . C B 1 1 ? -4.125  10.409  3.437   1.00 0.00 ? 7  C B "HO2'" 1 
ATOM 218 H "H1'"  . C B 1 1 ? -2.844  8.881   4.779   1.00 0.00 ? 7  C B "H1'"  1 
ATOM 219 H H41    . C B 1 1 ? 0.238   3.619   5.134   1.00 0.00 ? 7  C B H41    1 
ATOM 220 H H42    . C B 1 1 ? -1.188  2.571   5.111   1.00 0.00 ? 7  C B H42    1 
ATOM 221 H H5     . C B 1 1 ? -3.377  3.513   4.696   1.00 0.00 ? 7  C B H5     1 
ATOM 222 H H6     . C B 1 1 ? -4.564  5.608   4.394   1.00 0.00 ? 7  C B H6     1 
ATOM 223 H "HO5'" . C B 1 1 ? -6.582  6.074   5.257   1.00 0.00 ? 7  C B "HO5'" 1 
ATOM 224 P P      . G B 1 2 ? -5.881  8.060   0.130   1.00 0.00 ? 8  G B P      1 
ATOM 225 O OP1    . G B 1 2 ? -6.670  8.946   -0.750  1.00 0.00 ? 8  G B OP1    1 
ATOM 226 O OP2    . G B 1 2 ? -6.180  6.616   0.192   1.00 0.00 ? 8  G B OP2    1 
ATOM 227 O "O5'"  . G B 1 2 ? -4.324  8.222   -0.267  1.00 0.00 ? 8  G B "O5'"  1 
ATOM 228 C "C5'"  . G B 1 2 ? -3.753  9.492   -0.558  1.00 0.00 ? 8  G B "C5'"  1 
ATOM 229 C "C4'"  . G B 1 2 ? -2.262  9.363   -0.922  1.00 0.00 ? 8  G B "C4'"  1 
ATOM 230 O "O4'"  . G B 1 2 ? -1.458  8.899   0.173   1.00 0.00 ? 8  G B "O4'"  1 
ATOM 231 C "C3'"  . G B 1 2 ? -1.988  8.406   -2.079  1.00 0.00 ? 8  G B "C3'"  1 
ATOM 232 O "O3'"  . G B 1 2 ? -2.304  9.068   -3.324  1.00 0.00 ? 8  G B "O3'"  1 
ATOM 233 C "C2'"  . G B 1 2 ? -0.492  8.085   -1.832  1.00 0.00 ? 8  G B "C2'"  1 
ATOM 234 O "O2'"  . G B 1 2 ? 0.346   9.104   -2.377  1.00 0.00 ? 8  G B "O2'"  1 
ATOM 235 C "C1'"  . G B 1 2 ? -0.381  8.072   -0.296  1.00 0.00 ? 8  G B "C1'"  1 
ATOM 236 N N9     . G B 1 2 ? -0.472  6.749   0.300   1.00 0.00 ? 8  G B N9     1 
ATOM 237 C C8     . G B 1 2 ? -1.613  6.157   0.761   1.00 0.00 ? 8  G B C8     1 
ATOM 238 N N7     . G B 1 2 ? -1.358  5.059   1.413   1.00 0.00 ? 8  G B N7     1 
ATOM 239 C C5     . G B 1 2 ? 0.049   4.924   1.315   1.00 0.00 ? 8  G B C5     1 
ATOM 240 C C6     . G B 1 2 ? 0.983   3.965   1.832   1.00 0.00 ? 8  G B C6     1 
ATOM 241 O O6     . G B 1 2 ? 0.795   3.083   2.652   1.00 0.00 ? 8  G B O6     1 
ATOM 242 N N1     . G B 1 2 ? 2.259   4.070   1.338   1.00 0.00 ? 8  G B N1     1 
ATOM 243 C C2     . G B 1 2 ? 2.642   5.056   0.524   1.00 0.00 ? 8  G B C2     1 
ATOM 244 N N2     . G B 1 2 ? 3.867   4.991   0.118   1.00 0.00 ? 8  G B N2     1 
ATOM 245 N N3     . G B 1 2 ? 1.870   6.044   0.094   1.00 0.00 ? 8  G B N3     1 
ATOM 246 C C4     . G B 1 2 ? 0.585   5.917   0.532   1.00 0.00 ? 8  G B C4     1 
ATOM 247 H "H5'"  . G B 1 2 ? -3.840  10.176  0.287   1.00 0.00 ? 8  G B "H5'"  1 
ATOM 248 H "H5''" . G B 1 2 ? -4.261  9.943   -1.414  1.00 0.00 ? 8  G B "H5''" 1 
ATOM 249 H "H4'"  . G B 1 2 ? -1.890  10.361  -1.197  1.00 0.00 ? 8  G B "H4'"  1 
ATOM 250 H "H3'"  . G B 1 2 ? -2.606  7.509   -1.909  1.00 0.00 ? 8  G B "H3'"  1 
ATOM 251 H "H2'"  . G B 1 2 ? -0.224  7.104   -2.238  1.00 0.00 ? 8  G B "H2'"  1 
ATOM 252 H "HO2'" . G B 1 2 ? 0.150   9.971   -1.975  1.00 0.00 ? 8  G B "HO2'" 1 
ATOM 253 H "H1'"  . G B 1 2 ? 0.570   8.544   -0.003  1.00 0.00 ? 8  G B "H1'"  1 
ATOM 254 H H8     . G B 1 2 ? -2.611  6.543   0.625   1.00 0.00 ? 8  G B H8     1 
ATOM 255 H H1     . G B 1 2 ? 2.908   3.361   1.639   1.00 0.00 ? 8  G B H1     1 
ATOM 256 H H21    . G B 1 2 ? 4.429   4.203   0.398   1.00 0.00 ? 8  G B H21    1 
ATOM 257 H H22    . G B 1 2 ? 4.170   5.737   -0.473  1.00 0.00 ? 8  G B H22    1 
ATOM 258 P P      . C B 1 3 ? -2.446  8.061   -4.591  1.00 0.00 ? 9  C B P      1 
ATOM 259 O OP1    . C B 1 3 ? -2.587  8.878   -5.815  1.00 0.00 ? 9  C B OP1    1 
ATOM 260 O OP2    . C B 1 3 ? -3.479  7.060   -4.254  1.00 0.00 ? 9  C B OP2    1 
ATOM 261 O "O5'"  . C B 1 3 ? -1.041  7.278   -4.684  1.00 0.00 ? 9  C B "O5'"  1 
ATOM 262 C "C5'"  . C B 1 3 ? 0.136   7.864   -5.229  1.00 0.00 ? 9  C B "C5'"  1 
ATOM 263 C "C4'"  . C B 1 3 ? 1.311   6.876   -5.109  1.00 0.00 ? 9  C B "C4'"  1 
ATOM 264 O "O4'"  . C B 1 3 ? 1.558   6.487   -3.752  1.00 0.00 ? 9  C B "O4'"  1 
ATOM 265 C "C3'"  . C B 1 3 ? 1.066   5.570   -5.849  1.00 0.00 ? 9  C B "C3'"  1 
ATOM 266 O "O3'"  . C B 1 3 ? 1.168   5.777   -7.275  1.00 0.00 ? 9  C B "O3'"  1 
ATOM 267 C "C2'"  . C B 1 3 ? 2.130   4.669   -5.177  1.00 0.00 ? 9  C B "C2'"  1 
ATOM 268 O "O2'"  . C B 1 3 ? 3.429   4.882   -5.727  1.00 0.00 ? 9  C B "O2'"  1 
ATOM 269 C "C1'"  . C B 1 3 ? 2.062   5.145   -3.708  1.00 0.00 ? 9  C B "C1'"  1 
ATOM 270 N N1     . C B 1 3 ? 1.212   4.283   -2.886  1.00 0.00 ? 9  C B N1     1 
ATOM 271 C C2     . C B 1 3 ? 1.804   3.191   -2.257  1.00 0.00 ? 9  C B C2     1 
ATOM 272 O O2     . C B 1 3 ? 2.942   2.842   -2.554  1.00 0.00 ? 9  C B O2     1 
ATOM 273 N N3     . C B 1 3 ? 1.116   2.482   -1.345  1.00 0.00 ? 9  C B N3     1 
ATOM 274 C C4     . C B 1 3 ? -0.146  2.805   -1.146  1.00 0.00 ? 9  C B C4     1 
ATOM 275 N N4     . C B 1 3 ? -0.733  2.197   -0.168  1.00 0.00 ? 9  C B N4     1 
ATOM 276 C C5     . C B 1 3 ? -0.847  3.806   -1.881  1.00 0.00 ? 9  C B C5     1 
ATOM 277 C C6     . C B 1 3 ? -0.131  4.534   -2.763  1.00 0.00 ? 9  C B C6     1 
ATOM 278 H "H5'"  . C B 1 3 ? 0.414   8.788   -4.722  1.00 0.00 ? 9  C B "H5'"  1 
ATOM 279 H "H5''" . C B 1 3 ? -0.003  8.091   -6.288  1.00 0.00 ? 9  C B "H5''" 1 
ATOM 280 H "H4'"  . C B 1 3 ? 2.229   7.341   -5.503  1.00 0.00 ? 9  C B "H4'"  1 
ATOM 281 H "H3'"  . C B 1 3 ? 0.060   5.231   -5.553  1.00 0.00 ? 9  C B "H3'"  1 
ATOM 282 H "H2'"  . C B 1 3 ? 1.846   3.613   -5.247  1.00 0.00 ? 9  C B "H2'"  1 
ATOM 283 H "HO2'" . C B 1 3 ? 4.088   4.312   -5.283  1.00 0.00 ? 9  C B "HO2'" 1 
ATOM 284 H "H1'"  . C B 1 3 ? 3.082   5.198   -3.293  1.00 0.00 ? 9  C B "H1'"  1 
ATOM 285 H H41    . C B 1 3 ? -0.177  1.525   0.329   1.00 0.00 ? 9  C B H41    1 
ATOM 286 H H42    . C B 1 3 ? -1.665  2.445   0.094   1.00 0.00 ? 9  C B H42    1 
ATOM 287 H H5     . C B 1 3 ? -1.902  3.984   -1.748  1.00 0.00 ? 9  C B H5     1 
ATOM 288 H H6     . C B 1 3 ? -0.626  5.295   -3.345  1.00 0.00 ? 9  C B H6     1 
ATOM 289 P P      . G B 1 4 ? 0.516   4.580   -8.149  1.00 0.00 ? 10 G B P      1 
ATOM 290 O OP1    . G B 1 4 ? 0.781   4.847   -9.577  1.00 0.00 ? 10 G B OP1    1 
ATOM 291 O OP2    . G B 1 4 ? -0.871  4.377   -7.681  1.00 0.00 ? 10 G B OP2    1 
ATOM 292 O "O5'"  . G B 1 4 ? 1.358   3.269   -7.730  1.00 0.00 ? 10 G B "O5'"  1 
ATOM 293 C "C5'"  . G B 1 4 ? 2.686   3.042   -8.186  1.00 0.00 ? 10 G B "C5'"  1 
ATOM 294 C "C4'"  . G B 1 4 ? 3.192   1.690   -7.654  1.00 0.00 ? 10 G B "C4'"  1 
ATOM 295 O "O4'"  . G B 1 4 ? 3.257   1.645   -6.218  1.00 0.00 ? 10 G B "O4'"  1 
ATOM 296 C "C3'"  . G B 1 4 ? 2.295   0.523   -8.062  1.00 0.00 ? 10 G B "C3'"  1 
ATOM 297 O "O3'"  . G B 1 4 ? 2.539   0.183   -9.443  1.00 0.00 ? 10 G B "O3'"  1 
ATOM 298 C "C2'"  . G B 1 4 ? 2.707   -0.530  -7.009  1.00 0.00 ? 10 G B "C2'"  1 
ATOM 299 O "O2'"  . G B 1 4 ? 3.903   -1.204  -7.396  1.00 0.00 ? 10 G B "O2'"  1 
ATOM 300 C "C1'"  . G B 1 4 ? 2.935   0.322   -5.742  1.00 0.00 ? 10 G B "C1'"  1 
ATOM 301 N N9     . G B 1 4 ? 1.763   0.374   -4.883  1.00 0.00 ? 10 G B N9     1 
ATOM 302 C C8     . G B 1 4 ? 0.719   1.244   -5.002  1.00 0.00 ? 10 G B C8     1 
ATOM 303 N N7     . G B 1 4 ? -0.143  1.107   -4.038  1.00 0.00 ? 10 G B N7     1 
ATOM 304 C C5     . G B 1 4 ? 0.366   0.025   -3.278  1.00 0.00 ? 10 G B C5     1 
ATOM 305 C C6     . G B 1 4 ? -0.093  -0.650  -2.097  1.00 0.00 ? 10 G B C6     1 
ATOM 306 O O6     . G B 1 4 ? -1.054  -0.389  -1.394  1.00 0.00 ? 10 G B O6     1 
ATOM 307 N N1     . G B 1 4 ? 0.641   -1.751  -1.737  1.00 0.00 ? 10 G B N1     1 
ATOM 308 C C2     . G B 1 4 ? 1.722   -2.157  -2.403  1.00 0.00 ? 10 G B C2     1 
ATOM 309 N N2     . G B 1 4 ? 2.273   -3.233  -1.953  1.00 0.00 ? 10 G B N2     1 
ATOM 310 N N3     . G B 1 4 ? 2.237   -1.563  -3.469  1.00 0.00 ? 10 G B N3     1 
ATOM 311 C C4     . G B 1 4 ? 1.515   -0.473  -3.843  1.00 0.00 ? 10 G B C4     1 
ATOM 312 H "H5'"  . G B 1 4 ? 3.373   3.824   -7.865  1.00 0.00 ? 10 G B "H5'"  1 
ATOM 313 H "H5''" . G B 1 4 ? 2.713   2.996   -9.278  1.00 0.00 ? 10 G B "H5''" 1 
ATOM 314 H "H4'"  . G B 1 4 ? 4.207   1.516   -8.042  1.00 0.00 ? 10 G B "H4'"  1 
ATOM 315 H "H3'"  . G B 1 4 ? 1.254   0.838   -7.886  1.00 0.00 ? 10 G B "H3'"  1 
ATOM 316 H "H2'"  . G B 1 4 ? 1.895   -1.245  -6.834  1.00 0.00 ? 10 G B "H2'"  1 
ATOM 317 H "HO2'" . G B 1 4 ? 4.596   -0.576  -7.672  1.00 0.00 ? 10 G B "HO2'" 1 
ATOM 318 H "H1'"  . G B 1 4 ? 3.795   -0.080  -5.184  1.00 0.00 ? 10 G B "H1'"  1 
ATOM 319 H H8     . G B 1 4 ? 0.602   1.974   -5.783  1.00 0.00 ? 10 G B H8     1 
ATOM 320 H H1     . G B 1 4 ? 0.316   -2.256  -0.927  1.00 0.00 ? 10 G B H1     1 
ATOM 321 H H21    . G B 1 4 ? 1.841   -3.716  -1.180  1.00 0.00 ? 10 G B H21    1 
ATOM 322 H H22    . G B 1 4 ? 3.112   -3.521  -2.411  1.00 0.00 ? 10 G B H22    1 
ATOM 323 P P      . C B 1 5 ? 1.351   -0.706  -10.116 1.00 0.00 ? 11 C B P      1 
ATOM 324 O OP1    . C B 1 5 ? 1.806   -1.149  -11.450 1.00 0.00 ? 11 C B OP1    1 
ATOM 325 O OP2    . C B 1 5 ? 0.098   0.066   -9.981  1.00 0.00 ? 11 C B OP2    1 
ATOM 326 O "O5'"  . C B 1 5 ? 1.221   -2.006  -9.173  1.00 0.00 ? 11 C B "O5'"  1 
ATOM 327 C "C5'"  . C B 1 5 ? 2.145   -3.085  -9.227  1.00 0.00 ? 11 C B "C5'"  1 
ATOM 328 C "C4'"  . C B 1 5 ? 1.819   -4.130  -8.144  1.00 0.00 ? 11 C B "C4'"  1 
ATOM 329 O "O4'"  . C B 1 5 ? 1.825   -3.574  -6.816  1.00 0.00 ? 11 C B "O4'"  1 
ATOM 330 C "C3'"  . C B 1 5 ? 0.452   -4.788  -8.294  1.00 0.00 ? 11 C B "C3'"  1 
ATOM 331 O "O3'"  . C B 1 5 ? 0.453   -5.730  -9.388  1.00 0.00 ? 11 C B "O3'"  1 
ATOM 332 C "C2'"  . C B 1 5 ? 0.303   -5.380  -6.875  1.00 0.00 ? 11 C B "C2'"  1 
ATOM 333 O "O2'"  . C B 1 5 ? 1.051   -6.588  -6.737  1.00 0.00 ? 11 C B "O2'"  1 
ATOM 334 C "C1'"  . C B 1 5 ? 0.874   -4.260  -5.982  1.00 0.00 ? 11 C B "C1'"  1 
ATOM 335 N N1     . C B 1 5 ? -0.173  -3.359  -5.491  1.00 0.00 ? 11 C B N1     1 
ATOM 336 C C2     . C B 1 5 ? -0.796  -3.679  -4.284  1.00 0.00 ? 11 C B C2     1 
ATOM 337 O O2     . C B 1 5 ? -0.541  -4.722  -3.696  1.00 0.00 ? 11 C B O2     1 
ATOM 338 N N3     . C B 1 5 ? -1.729  -2.858  -3.771  1.00 0.00 ? 11 C B N3     1 
ATOM 339 C C4     . C B 1 5 ? -2.066  -1.791  -4.463  1.00 0.00 ? 11 C B C4     1 
ATOM 340 N N4     . C B 1 5 ? -2.914  -0.999  -3.893  1.00 0.00 ? 11 C B N4     1 
ATOM 341 C C5     . C B 1 5 ? -1.519  -1.456  -5.738  1.00 0.00 ? 11 C B C5     1 
ATOM 342 C C6     . C B 1 5 ? -0.566  -2.273  -6.233  1.00 0.00 ? 11 C B C6     1 
ATOM 343 H "H5'"  . C B 1 5 ? 3.172   -2.751  -9.075  1.00 0.00 ? 11 C B "H5'"  1 
ATOM 344 H "H5''" . C B 1 5 ? 2.092   -3.584  -10.198 1.00 0.00 ? 11 C B "H5''" 1 
ATOM 345 H "H4'"  . C B 1 5 ? 2.588   -4.916  -8.180  1.00 0.00 ? 11 C B "H4'"  1 
ATOM 346 H "H3'"  . C B 1 5 ? -0.280  -3.977  -8.447  1.00 0.00 ? 11 C B "H3'"  1 
ATOM 347 H "H2'"  . C B 1 5 ? -0.752  -5.543  -6.638  1.00 0.00 ? 11 C B "H2'"  1 
ATOM 348 H "HO2'" . C B 1 5 ? 2.004   -6.409  -6.634  1.00 0.00 ? 11 C B "HO2'" 1 
ATOM 349 H "H1'"  . C B 1 5 ? 1.427   -4.708  -5.140  1.00 0.00 ? 11 C B "H1'"  1 
ATOM 350 H H41    . C B 1 5 ? -3.154  -1.249  -2.950  1.00 0.00 ? 11 C B H41    1 
ATOM 351 H H42    . C B 1 5 ? -3.203  -0.153  -4.336  1.00 0.00 ? 11 C B H42    1 
ATOM 352 H H5     . C B 1 5 ? -1.846  -0.591  -6.293  1.00 0.00 ? 11 C B H5     1 
ATOM 353 H H6     . C B 1 5 ? -0.139  -2.053  -7.196  1.00 0.00 ? 11 C B H6     1 
ATOM 354 P P      . G B 1 6 ? -1.038  -6.196  -9.851  1.00 0.00 ? 12 G B P      1 
ATOM 355 O OP1    . G B 1 6 ? -0.890  -7.276  -10.846 1.00 0.00 ? 12 G B OP1    1 
ATOM 356 O OP2    . G B 1 6 ? -1.786  -4.971  -10.204 1.00 0.00 ? 12 G B OP2    1 
ATOM 357 O "O5'"  . G B 1 6 ? -1.741  -6.823  -8.538  1.00 0.00 ? 12 G B "O5'"  1 
ATOM 358 C "C5'"  . G B 1 6 ? -1.416  -8.119  -8.044  1.00 0.00 ? 12 G B "C5'"  1 
ATOM 359 C "C4'"  . G B 1 6 ? -2.133  -8.378  -6.707  1.00 0.00 ? 12 G B "C4'"  1 
ATOM 360 O "O4'"  . G B 1 6 ? -1.838  -7.351  -5.749  1.00 0.00 ? 12 G B "O4'"  1 
ATOM 361 C "C3'"  . G B 1 6 ? -3.659  -8.431  -6.774  1.00 0.00 ? 12 G B "C3'"  1 
ATOM 362 O "O3'"  . G B 1 6 ? -4.150  -9.674  -7.262  1.00 0.00 ? 12 G B "O3'"  1 
ATOM 363 C "C2'"  . G B 1 6 ? -4.025  -8.186  -5.300  1.00 0.00 ? 12 G B "C2'"  1 
ATOM 364 O "O2'"  . G B 1 6 ? -3.923  -9.380  -4.530  1.00 0.00 ? 12 G B "O2'"  1 
ATOM 365 C "C1'"  . G B 1 6 ? -2.958  -7.161  -4.872  1.00 0.00 ? 12 G B "C1'"  1 
ATOM 366 N N9     . G B 1 6 ? -3.473  -5.810  -4.993  1.00 0.00 ? 12 G B N9     1 
ATOM 367 C C8     . G B 1 6 ? -3.364  -4.967  -6.062  1.00 0.00 ? 12 G B C8     1 
ATOM 368 N N7     . G B 1 6 ? -4.006  -3.849  -5.863  1.00 0.00 ? 12 G B N7     1 
ATOM 369 C C5     . G B 1 6 ? -4.591  -4.013  -4.581  1.00 0.00 ? 12 G B C5     1 
ATOM 370 C C6     . G B 1 6 ? -5.433  -3.189  -3.754  1.00 0.00 ? 12 G B C6     1 
ATOM 371 O O6     . G B 1 6 ? -5.817  -2.042  -3.938  1.00 0.00 ? 12 G B O6     1 
ATOM 372 N N1     . G B 1 6 ? -5.872  -3.794  -2.602  1.00 0.00 ? 12 G B N1     1 
ATOM 373 C C2     . G B 1 6 ? -5.501  -5.018  -2.228  1.00 0.00 ? 12 G B C2     1 
ATOM 374 N N2     . G B 1 6 ? -5.971  -5.434  -1.103  1.00 0.00 ? 12 G B N2     1 
ATOM 375 N N3     . G B 1 6 ? -4.705  -5.816  -2.909  1.00 0.00 ? 12 G B N3     1 
ATOM 376 C C4     . G B 1 6 ? -4.283  -5.246  -4.064  1.00 0.00 ? 12 G B C4     1 
ATOM 377 H "H5'"  . G B 1 6 ? -0.344  -8.223  -7.870  1.00 0.00 ? 12 G B "H5'"  1 
ATOM 378 H "H5''" . G B 1 6 ? -1.722  -8.893  -8.751  1.00 0.00 ? 12 G B "H5''" 1 
ATOM 379 H "H4'"  . G B 1 6 ? -1.781  -9.332  -6.286  1.00 0.00 ? 12 G B "H4'"  1 
ATOM 380 H "H3'"  . G B 1 6 ? -4.025  -7.581  -7.372  1.00 0.00 ? 12 G B "H3'"  1 
ATOM 381 H "HO3'" . G B 1 6 ? -4.055  -9.737  -8.231  1.00 0.00 ? 12 G B "HO3'" 1 
ATOM 382 H "H2'"  . G B 1 6 ? -5.038  -7.761  -5.221  1.00 0.00 ? 12 G B "H2'"  1 
ATOM 383 H "HO2'" . G B 1 6 ? -4.430  -10.084 -4.984  1.00 0.00 ? 12 G B "HO2'" 1 
ATOM 384 H "H1'"  . G B 1 6 ? -2.646  -7.365  -3.836  1.00 0.00 ? 12 G B "H1'"  1 
ATOM 385 H H8     . G B 1 6 ? -2.825  -5.175  -6.969  1.00 0.00 ? 12 G B H8     1 
ATOM 386 H H1     . G B 1 6 ? -6.438  -3.248  -1.975  1.00 0.00 ? 12 G B H1     1 
ATOM 387 H H21    . G B 1 6 ? -6.641  -4.866  -0.609  1.00 0.00 ? 12 G B H21    1 
ATOM 388 H H22    . G B 1 6 ? -5.697  -6.359  -0.841  1.00 0.00 ? 12 G B H22    1 
# 
